data_9KK3
#
_entry.id   9KK3
#
_cell.length_a   1.000
_cell.length_b   1.000
_cell.length_c   1.000
_cell.angle_alpha   90.00
_cell.angle_beta   90.00
_cell.angle_gamma   90.00
#
_symmetry.space_group_name_H-M   'P 1'
#
_entity_poly.entity_id   1
_entity_poly.type   'polypeptide(L)'
_entity_poly.pdbx_seq_one_letter_code
;L(HYP)SCCSLNLRLC(HYP)V(HYP)ACKRN(HYP)CCT(NH2)
;
_entity_poly.pdbx_strand_id   A
#
loop_
_chem_comp.id
_chem_comp.type
_chem_comp.name
_chem_comp.formula
NH2 non-polymer 'AMINO GROUP' 'H2 N'
#
# COMPACT_ATOMS: atom_id res chain seq x y z
N LEU A 1 4.75 5.32 -5.25
CA LEU A 1 4.74 4.41 -6.38
C LEU A 1 3.32 4.12 -6.85
N HYP A 2 3.19 3.68 -8.11
CA HYP A 2 1.89 3.36 -8.71
C HYP A 2 1.05 2.46 -7.82
O HYP A 2 -0.04 2.84 -7.39
CB HYP A 2 2.26 2.64 -10.00
CG HYP A 2 3.62 3.14 -10.35
CD HYP A 2 4.31 3.44 -9.05
OD1 HYP A 2 3.55 4.35 -11.11
HA HYP A 2 1.33 4.26 -8.95
HB2 HYP A 2 2.27 1.57 -9.83
HB3 HYP A 2 1.55 2.88 -10.78
HG HYP A 2 4.15 2.37 -10.90
HD22 HYP A 2 4.87 2.57 -8.76
HD23 HYP A 2 4.95 4.31 -9.11
HD1 HYP A 2 2.94 4.96 -10.69
N SER A 3 1.55 1.26 -7.55
CA SER A 3 0.85 0.30 -6.70
C SER A 3 1.82 -0.47 -5.82
N CYS A 4 2.15 0.09 -4.67
CA CYS A 4 3.07 -0.54 -3.74
C CYS A 4 2.37 -1.64 -2.94
N CYS A 5 1.11 -1.40 -2.60
CA CYS A 5 0.33 -2.38 -1.84
C CYS A 5 -0.48 -3.27 -2.77
N SER A 6 0.06 -3.49 -3.97
CA SER A 6 -0.63 -4.33 -4.96
C SER A 6 -0.52 -5.81 -4.58
N LEU A 7 0.70 -6.33 -4.61
CA LEU A 7 0.94 -7.73 -4.27
C LEU A 7 1.30 -7.88 -2.79
N ASN A 8 0.77 -6.99 -1.97
CA ASN A 8 1.04 -7.03 -0.54
C ASN A 8 0.05 -6.14 0.22
N LEU A 9 -1.22 -6.54 0.22
CA LEU A 9 -2.26 -5.79 0.92
C LEU A 9 -2.34 -6.20 2.38
N ARG A 10 -1.19 -6.26 3.04
CA ARG A 10 -1.15 -6.64 4.45
C ARG A 10 -0.76 -5.45 5.32
N LEU A 11 0.38 -4.84 5.00
CA LEU A 11 0.86 -3.68 5.76
C LEU A 11 1.09 -2.49 4.83
N CYS A 12 1.41 -1.35 5.43
CA CYS A 12 1.67 -0.13 4.66
C CYS A 12 2.59 0.82 5.44
N HYP A 13 3.90 0.63 5.28
CA HYP A 13 4.90 1.46 5.96
C HYP A 13 5.18 2.76 5.21
O HYP A 13 5.10 3.85 5.79
CB HYP A 13 6.16 0.57 5.96
CG HYP A 13 5.85 -0.51 4.99
CD HYP A 13 4.52 -0.40 4.44
OD1 HYP A 13 5.86 -1.79 5.63
HA HYP A 13 4.61 1.69 6.97
HB2 HYP A 13 7.01 1.15 5.65
HB3 HYP A 13 6.31 0.18 6.96
HG HYP A 13 6.57 -0.48 4.19
HD22 HYP A 13 4.63 -0.06 3.42
HD23 HYP A 13 3.93 -1.32 4.46
HD1 HYP A 13 5.63 -1.70 6.55
N VAL A 14 5.49 2.65 3.92
CA VAL A 14 5.77 3.82 3.10
C VAL A 14 4.49 4.37 2.49
N HYP A 15 4.51 5.68 2.18
CA HYP A 15 3.35 6.37 1.58
C HYP A 15 2.92 5.73 0.27
O HYP A 15 1.77 5.87 -0.15
CB HYP A 15 3.88 7.79 1.34
CG HYP A 15 5.04 7.93 2.27
CD HYP A 15 5.65 6.59 2.39
OD1 HYP A 15 4.62 8.47 3.53
HA HYP A 15 2.52 6.40 2.27
HB2 HYP A 15 4.18 7.89 0.30
HB3 HYP A 15 3.10 8.50 1.57
HG HYP A 15 5.78 8.57 1.81
HD22 HYP A 15 6.43 6.40 1.67
HD23 HYP A 15 6.02 6.51 3.40
HD1 HYP A 15 3.88 9.06 3.39
N ALA A 16 3.84 5.02 -0.37
CA ALA A 16 3.54 4.36 -1.64
C ALA A 16 2.39 3.37 -1.49
N CYS A 17 2.31 2.74 -0.32
CA CYS A 17 1.26 1.77 -0.05
C CYS A 17 0.33 2.27 1.05
N LYS A 18 0.27 3.59 1.21
CA LYS A 18 -0.59 4.19 2.23
C LYS A 18 -1.94 4.58 1.65
N ARG A 19 -2.00 4.72 0.33
CA ARG A 19 -3.23 5.09 -0.35
C ARG A 19 -4.02 3.85 -0.75
N ASN A 20 -3.33 2.71 -0.84
CA ASN A 20 -3.97 1.46 -1.20
C ASN A 20 -4.99 1.03 -0.16
N HYP A 21 -5.89 0.12 -0.54
CA HYP A 21 -6.94 -0.39 0.35
C HYP A 21 -6.37 -1.01 1.62
O HYP A 21 -7.05 -1.13 2.64
CB HYP A 21 -7.64 -1.45 -0.49
CG HYP A 21 -7.31 -1.10 -1.90
CD HYP A 21 -5.96 -0.49 -1.87
OD1 HYP A 21 -8.25 -0.15 -2.42
HA HYP A 21 -7.65 0.39 0.62
HB2 HYP A 21 -7.26 -2.44 -0.23
HB3 HYP A 21 -8.70 -1.42 -0.31
HG HYP A 21 -7.32 -1.99 -2.51
HD22 HYP A 21 -5.15 -1.21 -2.01
HD23 HYP A 21 -5.93 0.25 -2.65
HD1 HYP A 21 -9.10 -0.58 -2.56
N CYS A 22 -5.10 -1.40 1.57
CA CYS A 22 -4.43 -2.00 2.71
C CYS A 22 -4.34 -1.01 3.87
N CYS A 23 -4.21 0.27 3.54
CA CYS A 23 -4.11 1.31 4.55
C CYS A 23 -5.43 2.06 4.69
N THR A 24 -6.09 2.32 3.56
CA THR A 24 -7.36 3.03 3.56
C THR A 24 -8.53 2.06 3.54
N NH2 A 25 -8.34 0.90 4.15
HN1 NH2 A 25 -7.48 0.72 4.58
HN2 NH2 A 25 -9.07 0.21 4.18
N LEU A 1 4.59 5.23 -5.05
CA LEU A 1 4.63 4.41 -6.25
C LEU A 1 3.22 4.11 -6.75
N HYP A 2 3.12 3.71 -8.02
CA HYP A 2 1.84 3.39 -8.65
C HYP A 2 0.98 2.46 -7.78
O HYP A 2 -0.13 2.81 -7.39
CB HYP A 2 2.24 2.67 -9.95
CG HYP A 2 3.59 3.22 -10.27
CD HYP A 2 4.25 3.54 -8.95
OD1 HYP A 2 3.48 4.40 -11.08
HA HYP A 2 1.28 4.28 -8.89
HB2 HYP A 2 2.28 1.61 -9.78
HB3 HYP A 2 1.53 2.90 -10.72
HG HYP A 2 4.17 2.47 -10.79
HD22 HYP A 2 4.85 2.69 -8.69
HD23 HYP A 2 4.86 4.43 -8.98
HD1 HYP A 2 3.74 4.19 -11.98
N SER A 3 1.52 1.28 -7.49
CA SER A 3 0.81 0.30 -6.67
C SER A 3 1.77 -0.48 -5.78
N CYS A 4 2.17 0.13 -4.67
CA CYS A 4 3.09 -0.50 -3.73
C CYS A 4 2.39 -1.59 -2.94
N CYS A 5 1.12 -1.36 -2.61
CA CYS A 5 0.35 -2.33 -1.84
C CYS A 5 -0.43 -3.25 -2.77
N SER A 6 0.13 -3.52 -3.95
CA SER A 6 -0.51 -4.38 -4.93
C SER A 6 -0.42 -5.85 -4.51
N LEU A 7 0.79 -6.37 -4.50
CA LEU A 7 1.02 -7.77 -4.10
C LEU A 7 1.36 -7.87 -2.63
N ASN A 8 0.78 -6.97 -1.82
CA ASN A 8 1.02 -6.97 -0.39
C ASN A 8 -0.01 -6.09 0.33
N LEU A 9 -1.27 -6.49 0.26
CA LEU A 9 -2.35 -5.74 0.90
C LEU A 9 -2.50 -6.15 2.37
N ARG A 10 -1.38 -6.18 3.09
CA ARG A 10 -1.39 -6.55 4.50
C ARG A 10 -0.70 -5.49 5.35
N LEU A 11 0.36 -4.91 4.79
CA LEU A 11 1.11 -3.87 5.50
C LEU A 11 1.28 -2.63 4.63
N CYS A 12 1.53 -1.50 5.28
CA CYS A 12 1.72 -0.23 4.57
C CYS A 12 2.61 0.72 5.37
N HYP A 13 3.93 0.57 5.19
CA HYP A 13 4.92 1.41 5.88
C HYP A 13 5.17 2.73 5.16
O HYP A 13 5.06 3.80 5.75
CB HYP A 13 6.19 0.55 5.87
CG HYP A 13 5.90 -0.53 4.89
CD HYP A 13 4.56 -0.41 4.30
OD1 HYP A 13 5.89 -1.82 5.51
HA HYP A 13 4.62 1.62 6.90
HB2 HYP A 13 7.03 1.14 5.57
HB3 HYP A 13 6.35 0.14 6.86
HG HYP A 13 6.64 -0.49 4.10
HD22 HYP A 13 4.68 -0.01 3.30
HD23 HYP A 13 4.00 -1.33 4.29
HD1 HYP A 13 5.84 -2.50 4.84
N VAL A 14 5.50 2.64 3.87
CA VAL A 14 5.77 3.82 3.07
C VAL A 14 4.48 4.38 2.46
N HYP A 15 4.47 5.70 2.19
CA HYP A 15 3.31 6.37 1.61
C HYP A 15 2.87 5.74 0.29
O HYP A 15 1.70 5.88 -0.11
CB HYP A 15 3.82 7.80 1.36
CG HYP A 15 4.98 7.94 2.29
CD HYP A 15 5.60 6.61 2.42
OD1 HYP A 15 4.56 8.48 3.56
HA HYP A 15 2.48 6.40 2.30
HB2 HYP A 15 4.12 7.90 0.33
HB3 HYP A 15 3.04 8.51 1.59
HG HYP A 15 5.72 8.59 1.83
HD22 HYP A 15 6.39 6.44 1.70
HD23 HYP A 15 5.97 6.52 3.42
HD1 HYP A 15 5.27 8.37 4.19
N ALA A 16 3.79 5.05 -0.37
CA ALA A 16 3.48 4.40 -1.63
C ALA A 16 2.34 3.39 -1.48
N CYS A 17 2.28 2.76 -0.31
CA CYS A 17 1.24 1.77 -0.04
C CYS A 17 0.31 2.26 1.07
N LYS A 18 0.25 3.59 1.24
CA LYS A 18 -0.61 4.18 2.27
C LYS A 18 -1.96 4.58 1.69
N ARG A 19 -2.01 4.73 0.37
CA ARG A 19 -3.24 5.11 -0.31
C ARG A 19 -4.04 3.88 -0.72
N ASN A 20 -3.35 2.75 -0.83
CA ASN A 20 -3.99 1.50 -1.22
C ASN A 20 -5.02 1.07 -0.18
N HYP A 21 -5.92 0.16 -0.58
CA HYP A 21 -6.97 -0.36 0.30
C HYP A 21 -6.40 -0.98 1.57
O HYP A 21 -7.11 -1.11 2.58
CB HYP A 21 -7.66 -1.42 -0.56
CG HYP A 21 -7.33 -1.05 -1.97
CD HYP A 21 -5.97 -0.44 -1.92
OD1 HYP A 21 -8.27 -0.10 -2.48
HA HYP A 21 -7.69 0.41 0.56
HB2 HYP A 21 -7.27 -2.40 -0.31
HB3 HYP A 21 -8.72 -1.39 -0.39
HG HYP A 21 -7.33 -1.94 -2.57
HD22 HYP A 21 -5.18 -1.16 -2.06
HD23 HYP A 21 -5.93 0.32 -2.69
HD1 HYP A 21 -9.11 -0.54 -2.65
N CYS A 22 -5.14 -1.37 1.52
CA CYS A 22 -4.48 -1.98 2.67
C CYS A 22 -4.40 -1.00 3.84
N CYS A 23 -4.20 0.28 3.51
CA CYS A 23 -4.09 1.32 4.53
C CYS A 23 -5.35 2.18 4.55
N THR A 24 -5.82 2.57 3.37
CA THR A 24 -7.01 3.40 3.24
C THR A 24 -7.81 3.03 2.01
N NH2 A 25 -9.14 2.95 2.18
HN1 NH2 A 25 -9.52 3.11 3.06
HN2 NH2 A 25 -9.73 2.71 1.40
N LEU A 1 5.31 4.53 -6.47
CA LEU A 1 4.78 3.18 -6.64
C LEU A 1 3.32 3.10 -6.22
N HYP A 2 2.44 3.67 -7.06
CA HYP A 2 0.99 3.68 -6.80
C HYP A 2 0.47 2.31 -6.40
O HYP A 2 -0.36 2.19 -5.50
CB HYP A 2 0.40 4.11 -8.14
CG HYP A 2 1.46 4.92 -8.79
CD HYP A 2 2.78 4.36 -8.32
OD1 HYP A 2 1.36 6.30 -8.42
HA HYP A 2 0.73 4.40 -6.04
HB2 HYP A 2 0.15 3.23 -8.73
HB3 HYP A 2 -0.50 4.70 -7.97
HG HYP A 2 1.39 4.82 -9.87
HD22 HYP A 2 3.10 3.65 -9.07
HD23 HYP A 2 3.54 5.11 -8.15
HD1 HYP A 2 0.48 6.62 -8.59
N SER A 3 0.96 1.28 -7.07
CA SER A 3 0.55 -0.09 -6.79
C SER A 3 1.51 -0.76 -5.82
N CYS A 4 2.00 0.00 -4.86
CA CYS A 4 2.93 -0.51 -3.86
C CYS A 4 2.28 -1.62 -3.04
N CYS A 5 1.03 -1.40 -2.63
CA CYS A 5 0.30 -2.38 -1.84
C CYS A 5 -0.53 -3.29 -2.74
N SER A 6 -0.06 -3.49 -3.96
CA SER A 6 -0.76 -4.35 -4.91
C SER A 6 -0.59 -5.82 -4.55
N LEU A 7 0.65 -6.29 -4.58
CA LEU A 7 0.95 -7.68 -4.27
C LEU A 7 1.32 -7.82 -2.79
N ASN A 8 0.77 -6.95 -1.96
CA ASN A 8 1.05 -6.98 -0.53
C ASN A 8 0.04 -6.14 0.25
N LEU A 9 -1.22 -6.57 0.24
CA LEU A 9 -2.27 -5.86 0.94
C LEU A 9 -2.35 -6.27 2.40
N ARG A 10 -1.19 -6.27 3.07
CA ARG A 10 -1.12 -6.65 4.47
C ARG A 10 -0.69 -5.46 5.33
N LEU A 11 0.48 -4.90 5.01
CA LEU A 11 1.01 -3.76 5.76
C LEU A 11 1.17 -2.55 4.85
N CYS A 12 1.52 -1.41 5.44
CA CYS A 12 1.71 -0.19 4.69
C CYS A 12 2.55 0.82 5.49
N HYP A 13 3.88 0.68 5.40
CA HYP A 13 4.80 1.57 6.11
C HYP A 13 5.10 2.85 5.32
O HYP A 13 5.02 3.94 5.86
CB HYP A 13 6.08 0.73 6.23
CG HYP A 13 5.90 -0.39 5.24
CD HYP A 13 4.58 -0.34 4.61
OD1 HYP A 13 6.01 -1.66 5.88
HA HYP A 13 4.44 1.83 7.09
HB2 HYP A 13 6.94 1.33 6.00
HB3 HYP A 13 6.15 0.35 7.24
HG HYP A 13 6.63 -0.29 4.47
HD22 HYP A 13 4.74 0.00 3.59
HD23 HYP A 13 4.02 -1.27 4.61
HD1 HYP A 13 6.92 -1.95 5.87
N VAL A 14 5.43 2.69 4.04
CA VAL A 14 5.73 3.83 3.19
C VAL A 14 4.47 4.39 2.56
N HYP A 15 4.50 5.69 2.19
CA HYP A 15 3.37 6.37 1.57
C HYP A 15 2.95 5.73 0.26
O HYP A 15 1.80 5.85 -0.17
CB HYP A 15 3.90 7.78 1.32
CG HYP A 15 5.07 7.92 2.24
CD HYP A 15 5.68 6.57 2.35
OD1 HYP A 15 4.66 8.42 3.52
HA HYP A 15 2.52 6.41 2.24
HB2 HYP A 15 4.20 7.89 0.29
HB3 HYP A 15 3.13 8.51 1.55
HG HYP A 15 5.80 8.58 1.79
HD22 HYP A 15 6.43 6.35 1.62
HD23 HYP A 15 6.08 6.50 3.35
HD1 HYP A 15 3.83 8.02 3.76
N ALA A 16 3.89 5.03 -0.38
CA ALA A 16 3.61 4.36 -1.65
C ALA A 16 2.45 3.38 -1.51
N CYS A 17 2.36 2.74 -0.35
CA CYS A 17 1.31 1.77 -0.09
C CYS A 17 0.39 2.25 1.03
N LYS A 18 0.30 3.57 1.17
CA LYS A 18 -0.55 4.16 2.21
C LYS A 18 -1.90 4.56 1.64
N ARG A 19 -1.97 4.72 0.32
CA ARG A 19 -3.20 5.09 -0.35
C ARG A 19 -3.99 3.86 -0.76
N ASN A 20 -3.30 2.73 -0.86
CA ASN A 20 -3.94 1.46 -1.26
C ASN A 20 -4.98 1.04 -0.23
N HYP A 21 -5.87 0.13 -0.63
CA HYP A 21 -6.93 -0.39 0.24
C HYP A 21 -6.38 -0.99 1.53
O HYP A 21 -7.09 -1.09 2.53
CB HYP A 21 -7.60 -1.47 -0.61
CG HYP A 21 -7.27 -1.11 -2.01
CD HYP A 21 -5.91 -0.49 -1.97
OD1 HYP A 21 -8.20 -0.16 -2.54
HA HYP A 21 -7.65 0.39 0.48
HB2 HYP A 21 -7.21 -2.43 -0.34
HB3 HYP A 21 -8.67 -1.45 -0.44
HG HYP A 21 -7.26 -1.99 -2.62
HD22 HYP A 21 -5.13 -1.23 -2.08
HD23 HYP A 21 -5.82 0.26 -2.73
HD1 HYP A 21 -8.37 0.52 -1.89
N CYS A 22 -5.11 -1.39 1.50
CA CYS A 22 -4.47 -1.97 2.67
C CYS A 22 -4.41 -0.98 3.82
N CYS A 23 -4.22 0.29 3.48
CA CYS A 23 -4.15 1.35 4.49
C CYS A 23 -5.43 2.18 4.51
N THR A 24 -5.91 2.54 3.32
CA THR A 24 -7.12 3.34 3.21
C THR A 24 -7.92 2.94 1.98
N NH2 A 25 -9.24 2.85 2.13
HN1 NH2 A 25 -9.63 3.05 3.01
HN2 NH2 A 25 -9.83 2.60 1.37
N LEU A 1 6.00 4.33 -7.44
CA LEU A 1 5.38 3.05 -7.09
C LEU A 1 3.87 3.21 -6.91
N HYP A 2 3.16 3.44 -8.02
CA HYP A 2 1.70 3.62 -8.01
C HYP A 2 1.00 2.55 -7.17
O HYP A 2 0.30 2.86 -6.22
CB HYP A 2 1.32 3.48 -9.48
CG HYP A 2 2.57 3.03 -10.16
CD HYP A 2 3.73 3.55 -9.38
OD1 HYP A 2 2.66 3.57 -11.49
HA HYP A 2 1.43 4.59 -7.65
HB2 HYP A 2 0.53 2.75 -9.58
HB3 HYP A 2 0.99 4.43 -9.86
HG HYP A 2 2.58 1.95 -10.20
HD22 HYP A 2 4.52 2.83 -9.52
HD23 HYP A 2 4.07 4.55 -9.58
HD1 HYP A 2 1.78 3.71 -11.84
N SER A 3 1.21 1.28 -7.54
CA SER A 3 0.59 0.18 -6.83
C SER A 3 1.60 -0.52 -5.92
N CYS A 4 1.93 0.13 -4.80
CA CYS A 4 2.88 -0.42 -3.85
C CYS A 4 2.25 -1.55 -3.03
N CYS A 5 0.99 -1.35 -2.64
CA CYS A 5 0.28 -2.35 -1.86
C CYS A 5 -0.53 -3.28 -2.76
N SER A 6 -0.02 -3.51 -3.96
CA SER A 6 -0.70 -4.38 -4.92
C SER A 6 -0.54 -5.84 -4.54
N LEU A 7 0.69 -6.33 -4.59
CA LEU A 7 0.98 -7.72 -4.24
C LEU A 7 1.37 -7.85 -2.78
N ASN A 8 0.82 -6.98 -1.95
CA ASN A 8 1.12 -6.99 -0.52
C ASN A 8 0.11 -6.14 0.26
N LEU A 9 -1.14 -6.58 0.27
CA LEU A 9 -2.20 -5.88 0.98
C LEU A 9 -2.27 -6.31 2.44
N ARG A 10 -1.12 -6.35 3.09
CA ARG A 10 -1.05 -6.75 4.49
C ARG A 10 -0.69 -5.57 5.38
N LEU A 11 0.34 -4.84 4.99
CA LEU A 11 0.78 -3.68 5.75
C LEU A 11 1.06 -2.49 4.82
N CYS A 12 1.35 -1.34 5.42
CA CYS A 12 1.63 -0.13 4.65
C CYS A 12 2.54 0.82 5.44
N HYP A 13 3.86 0.61 5.33
CA HYP A 13 4.85 1.44 6.01
C HYP A 13 5.15 2.73 5.26
O HYP A 13 5.10 3.81 5.84
CB HYP A 13 6.09 0.54 6.06
CG HYP A 13 5.81 -0.55 5.06
CD HYP A 13 4.48 -0.44 4.50
OD1 HYP A 13 5.81 -1.82 5.70
HA HYP A 13 4.54 1.67 7.02
HB2 HYP A 13 6.96 1.12 5.77
HB3 HYP A 13 6.21 0.14 7.04
HG HYP A 13 6.56 -0.51 4.28
HD22 HYP A 13 4.63 -0.10 3.49
HD23 HYP A 13 3.89 -1.34 4.51
HD1 HYP A 13 5.69 -2.51 5.03
N VAL A 14 5.46 2.60 3.98
CA VAL A 14 5.78 3.76 3.16
C VAL A 14 4.51 4.35 2.53
N HYP A 15 4.55 5.65 2.23
CA HYP A 15 3.41 6.37 1.63
C HYP A 15 2.99 5.76 0.31
O HYP A 15 1.85 5.93 -0.14
CB HYP A 15 3.95 7.78 1.42
CG HYP A 15 5.11 7.90 2.35
CD HYP A 15 5.71 6.55 2.46
OD1 HYP A 15 4.69 8.42 3.62
HA HYP A 15 2.57 6.40 2.30
HB2 HYP A 15 4.27 7.91 0.39
HB3 HYP A 15 3.18 8.50 1.66
HG HYP A 15 5.86 8.53 1.92
HD22 HYP A 15 6.49 6.34 1.74
HD23 HYP A 15 6.08 6.45 3.47
HD1 HYP A 15 5.37 9.02 3.95
N ALA A 16 3.91 5.04 -0.33
CA ALA A 16 3.63 4.39 -1.62
C ALA A 16 2.46 3.43 -1.49
N CYS A 17 2.36 2.75 -0.35
CA CYS A 17 1.29 1.79 -0.12
C CYS A 17 0.36 2.29 0.99
N LYS A 18 0.28 3.61 1.15
CA LYS A 18 -0.57 4.21 2.17
C LYS A 18 -1.91 4.60 1.58
N ARG A 19 -1.97 4.73 0.26
CA ARG A 19 -3.20 5.10 -0.43
C ARG A 19 -4.00 3.86 -0.80
N ASN A 20 -3.32 2.71 -0.88
CA ASN A 20 -3.98 1.47 -1.24
C ASN A 20 -5.01 1.07 -0.18
N HYP A 21 -5.91 0.14 -0.55
CA HYP A 21 -6.95 -0.35 0.36
C HYP A 21 -6.39 -0.94 1.64
O HYP A 21 -7.09 -1.04 2.65
CB HYP A 21 -7.65 -1.43 -0.48
CG HYP A 21 -7.31 -1.11 -1.89
CD HYP A 21 -5.95 -0.52 -1.86
OD1 HYP A 21 -8.24 -0.16 -2.44
HA HYP A 21 -7.66 0.43 0.59
HB2 HYP A 21 -7.28 -2.40 -0.19
HB3 HYP A 21 -8.72 -1.39 -0.31
HG HYP A 21 -7.32 -2.02 -2.47
HD22 HYP A 21 -5.16 -1.25 -1.96
HD23 HYP A 21 -5.90 0.21 -2.66
HD1 HYP A 21 -8.26 -0.25 -3.39
N CYS A 22 -5.12 -1.34 1.60
CA CYS A 22 -4.47 -1.92 2.76
C CYS A 22 -4.38 -0.91 3.90
N CYS A 23 -4.24 0.36 3.54
CA CYS A 23 -4.14 1.43 4.52
C CYS A 23 -5.46 2.18 4.64
N THR A 24 -6.10 2.44 3.50
CA THR A 24 -7.36 3.15 3.47
C THR A 24 -8.55 2.19 3.46
N NH2 A 25 -8.36 1.02 4.08
HN1 NH2 A 25 -7.49 0.83 4.51
HN2 NH2 A 25 -9.08 0.34 4.11
N LEU A 1 5.53 4.92 -5.04
CA LEU A 1 5.25 4.07 -6.19
C LEU A 1 3.75 4.01 -6.48
N HYP A 2 3.39 3.64 -7.72
CA HYP A 2 1.99 3.54 -8.14
C HYP A 2 1.20 2.53 -7.31
O HYP A 2 0.33 2.92 -6.53
CB HYP A 2 2.10 3.06 -9.59
CG HYP A 2 3.49 2.50 -9.71
CD HYP A 2 4.34 3.26 -8.79
OD1 HYP A 2 4.06 2.80 -10.99
HA HYP A 2 1.51 4.50 -8.11
HB2 HYP A 2 1.36 2.30 -9.78
HB3 HYP A 2 1.95 3.89 -10.26
HG HYP A 2 3.45 1.44 -9.57
HD22 HYP A 2 5.08 2.57 -8.43
HD23 HYP A 2 4.80 4.14 -9.20
HD1 HYP A 2 4.15 2.00 -11.50
N SER A 3 1.51 1.26 -7.48
CA SER A 3 0.82 0.20 -6.75
C SER A 3 1.79 -0.56 -5.85
N CYS A 4 2.14 0.06 -4.72
CA CYS A 4 3.06 -0.56 -3.77
C CYS A 4 2.36 -1.64 -2.96
N CYS A 5 1.10 -1.40 -2.62
CA CYS A 5 0.33 -2.38 -1.85
C CYS A 5 -0.48 -3.28 -2.77
N SER A 6 0.05 -3.52 -3.97
CA SER A 6 -0.61 -4.37 -4.94
C SER A 6 -0.49 -5.84 -4.56
N LEU A 7 0.73 -6.34 -4.57
CA LEU A 7 0.99 -7.73 -4.22
C LEU A 7 1.32 -7.87 -2.74
N ASN A 8 0.77 -6.98 -1.92
CA ASN A 8 1.01 -7.00 -0.48
C ASN A 8 0.00 -6.12 0.25
N LEU A 9 -1.27 -6.52 0.22
CA LEU A 9 -2.33 -5.77 0.88
C LEU A 9 -2.44 -6.17 2.34
N ARG A 10 -1.31 -6.18 3.04
CA ARG A 10 -1.28 -6.54 4.45
C ARG A 10 -0.74 -5.39 5.29
N LEU A 11 0.44 -4.90 4.93
CA LEU A 11 1.07 -3.80 5.65
C LEU A 11 1.22 -2.58 4.76
N CYS A 12 1.56 -1.44 5.36
CA CYS A 12 1.75 -0.20 4.63
C CYS A 12 2.59 0.79 5.42
N HYP A 13 3.92 0.67 5.31
CA HYP A 13 4.86 1.55 6.01
C HYP A 13 5.13 2.84 5.25
O HYP A 13 5.03 3.93 5.81
CB HYP A 13 6.14 0.70 6.09
CG HYP A 13 5.93 -0.39 5.11
CD HYP A 13 4.61 -0.33 4.49
OD1 HYP A 13 5.99 -1.68 5.77
HA HYP A 13 4.51 1.78 7.00
HB2 HYP A 13 6.98 1.32 5.83
HB3 HYP A 13 6.25 0.32 7.10
HG HYP A 13 6.67 -0.33 4.34
HD22 HYP A 13 4.75 0.02 3.48
HD23 HYP A 13 4.06 -1.27 4.48
HD1 HYP A 13 6.42 -2.31 5.17
N VAL A 14 5.45 2.71 3.97
CA VAL A 14 5.73 3.87 3.12
C VAL A 14 4.45 4.41 2.50
N HYP A 15 4.46 5.71 2.16
CA HYP A 15 3.32 6.38 1.55
C HYP A 15 2.89 5.72 0.24
O HYP A 15 1.74 5.87 -0.19
CB HYP A 15 3.83 7.80 1.30
CG HYP A 15 4.99 7.96 2.21
CD HYP A 15 5.61 6.62 2.34
OD1 HYP A 15 4.58 8.47 3.49
HA HYP A 15 2.47 6.42 2.23
HB2 HYP A 15 4.12 7.90 0.26
HB3 HYP A 15 3.05 8.51 1.53
HG HYP A 15 5.72 8.61 1.76
HD22 HYP A 15 6.38 6.41 1.61
HD23 HYP A 15 6.00 6.55 3.34
HD1 HYP A 15 5.36 8.65 4.02
N ALA A 16 3.82 5.01 -0.39
CA ALA A 16 3.54 4.35 -1.65
C ALA A 16 2.39 3.34 -1.49
N CYS A 17 2.30 2.73 -0.33
CA CYS A 17 1.26 1.75 -0.05
C CYS A 17 0.34 2.23 1.07
N LYS A 18 0.28 3.56 1.25
CA LYS A 18 -0.55 4.15 2.27
C LYS A 18 -1.91 4.55 1.71
N ARG A 19 -1.98 4.72 0.39
CA ARG A 19 -3.21 5.10 -0.28
C ARG A 19 -4.01 3.87 -0.70
N ASN A 20 -3.32 2.73 -0.81
CA ASN A 20 -3.96 1.48 -1.21
C ASN A 20 -4.99 1.05 -0.17
N HYP A 21 -5.89 0.14 -0.59
CA HYP A 21 -6.95 -0.37 0.29
C HYP A 21 -6.39 -1.01 1.56
O HYP A 21 -7.10 -1.14 2.56
CB HYP A 21 -7.64 -1.43 -0.58
CG HYP A 21 -7.31 -1.05 -1.98
CD HYP A 21 -5.94 -0.45 -1.93
OD1 HYP A 21 -8.24 -0.09 -2.49
HA HYP A 21 -7.66 0.40 0.55
HB2 HYP A 21 -7.26 -2.41 -0.32
HB3 HYP A 21 -8.70 -1.39 -0.40
HG HYP A 21 -7.31 -1.93 -2.60
HD22 HYP A 21 -5.15 -1.17 -2.06
HD23 HYP A 21 -5.90 0.32 -2.69
HD1 HYP A 21 -7.99 0.15 -3.38
N CYS A 22 -5.12 -1.40 1.52
CA CYS A 22 -4.47 -2.02 2.66
C CYS A 22 -4.39 -1.05 3.84
N CYS A 23 -4.21 0.24 3.51
CA CYS A 23 -4.11 1.26 4.53
C CYS A 23 -5.40 2.07 4.63
N THR A 24 -5.93 2.45 3.47
CA THR A 24 -7.17 3.23 3.40
C THR A 24 -8.39 2.32 3.45
N NH2 A 25 -9.44 2.78 4.13
HN1 NH2 A 25 -9.38 3.67 4.56
HN2 NH2 A 25 -10.28 2.24 4.21
N LEU A 1 5.09 4.65 -6.90
CA LEU A 1 4.68 3.25 -6.90
C LEU A 1 3.18 3.12 -6.62
N HYP A 2 2.36 3.53 -7.59
CA HYP A 2 0.90 3.46 -7.47
C HYP A 2 0.42 2.11 -6.96
O HYP A 2 -0.50 2.03 -6.14
CB HYP A 2 0.41 3.70 -8.89
CG HYP A 2 1.49 4.51 -9.54
CD HYP A 2 2.78 4.10 -8.88
OD1 HYP A 2 1.27 5.91 -9.34
HA HYP A 2 0.52 4.24 -6.82
HB2 HYP A 2 0.27 2.75 -9.40
HB3 HYP A 2 -0.52 4.24 -8.88
HG HYP A 2 1.52 4.28 -10.59
HD22 HYP A 2 3.22 3.34 -9.51
HD23 HYP A 2 3.47 4.91 -8.73
HD1 HYP A 2 1.60 6.18 -8.48
N SER A 3 1.06 1.05 -7.45
CA SER A 3 0.69 -0.31 -7.05
C SER A 3 1.66 -0.84 -5.99
N CYS A 4 1.92 -0.02 -4.97
CA CYS A 4 2.82 -0.41 -3.89
C CYS A 4 2.22 -1.53 -3.05
N CYS A 5 0.96 -1.35 -2.65
CA CYS A 5 0.27 -2.34 -1.84
C CYS A 5 -0.54 -3.29 -2.72
N SER A 6 -0.08 -3.49 -3.95
CA SER A 6 -0.76 -4.37 -4.88
C SER A 6 -0.54 -5.83 -4.52
N LEU A 7 0.72 -6.26 -4.54
CA LEU A 7 1.06 -7.64 -4.21
C LEU A 7 1.46 -7.76 -2.74
N ASN A 8 0.87 -6.92 -1.90
CA ASN A 8 1.16 -6.93 -0.47
C ASN A 8 0.12 -6.12 0.30
N LEU A 9 -1.13 -6.59 0.28
CA LEU A 9 -2.21 -5.92 0.98
C LEU A 9 -2.28 -6.36 2.44
N ARG A 10 -1.14 -6.37 3.11
CA ARG A 10 -1.07 -6.77 4.50
C ARG A 10 -0.70 -5.59 5.40
N LEU A 11 0.30 -4.83 4.99
CA LEU A 11 0.75 -3.67 5.74
C LEU A 11 1.06 -2.50 4.81
N CYS A 12 1.30 -1.34 5.40
CA CYS A 12 1.61 -0.14 4.63
C CYS A 12 2.54 0.79 5.42
N HYP A 13 3.85 0.57 5.30
CA HYP A 13 4.87 1.36 5.99
C HYP A 13 5.16 2.67 5.27
O HYP A 13 5.12 3.75 5.85
CB HYP A 13 6.09 0.46 6.00
CG HYP A 13 5.81 -0.57 4.96
CD HYP A 13 4.45 -0.50 4.48
OD1 HYP A 13 5.97 -1.89 5.48
HA HYP A 13 4.57 1.59 7.01
HB2 HYP A 13 6.97 1.04 5.76
HB3 HYP A 13 6.22 0.01 6.97
HG HYP A 13 6.49 -0.42 4.12
HD22 HYP A 13 4.59 -0.18 3.46
HD23 HYP A 13 3.86 -1.40 4.52
HD1 HYP A 13 5.88 -2.53 4.77
N VAL A 14 5.47 2.56 3.98
CA VAL A 14 5.78 3.73 3.16
C VAL A 14 4.51 4.33 2.56
N HYP A 15 4.56 5.64 2.26
CA HYP A 15 3.42 6.35 1.67
C HYP A 15 3.00 5.77 0.33
O HYP A 15 1.86 5.93 -0.10
CB HYP A 15 3.96 7.78 1.48
CG HYP A 15 5.12 7.86 2.42
CD HYP A 15 5.72 6.52 2.47
OD1 HYP A 15 4.72 8.33 3.70
HA HYP A 15 2.58 6.37 2.34
HB2 HYP A 15 4.26 7.92 0.46
HB3 HYP A 15 3.20 8.49 1.75
HG HYP A 15 5.86 8.54 1.99
HD22 HYP A 15 6.49 6.33 1.74
HD23 HYP A 15 6.11 6.41 3.48
HD1 HYP A 15 5.36 8.96 4.03
N ALA A 16 3.93 5.08 -0.33
CA ALA A 16 3.65 4.46 -1.63
C ALA A 16 2.48 3.48 -1.52
N CYS A 17 2.39 2.80 -0.38
CA CYS A 17 1.32 1.83 -0.16
C CYS A 17 0.39 2.30 0.95
N LYS A 18 0.30 3.61 1.13
CA LYS A 18 -0.56 4.19 2.15
C LYS A 18 -1.91 4.58 1.56
N ARG A 19 -1.97 4.72 0.24
CA ARG A 19 -3.20 5.10 -0.44
C ARG A 19 -4.00 3.85 -0.81
N ASN A 20 -3.33 2.71 -0.88
CA ASN A 20 -3.99 1.46 -1.23
C ASN A 20 -5.02 1.07 -0.18
N HYP A 21 -5.90 0.13 -0.54
CA HYP A 21 -6.96 -0.35 0.36
C HYP A 21 -6.39 -0.95 1.64
O HYP A 21 -7.11 -1.08 2.64
CB HYP A 21 -7.67 -1.42 -0.47
CG HYP A 21 -7.32 -1.10 -1.88
CD HYP A 21 -5.95 -0.54 -1.85
OD1 HYP A 21 -8.22 -0.13 -2.43
HA HYP A 21 -7.66 0.44 0.61
HB2 HYP A 21 -7.31 -2.40 -0.18
HB3 HYP A 21 -8.74 -1.36 -0.30
HG HYP A 21 -7.35 -2.01 -2.47
HD22 HYP A 21 -5.16 -1.28 -1.94
HD23 HYP A 21 -5.88 0.18 -2.65
HD1 HYP A 21 -9.03 -0.57 -2.71
N CYS A 22 -5.12 -1.33 1.60
CA CYS A 22 -4.47 -1.93 2.76
C CYS A 22 -4.36 -0.92 3.90
N CYS A 23 -4.25 0.36 3.55
CA CYS A 23 -4.14 1.42 4.54
C CYS A 23 -5.46 2.16 4.70
N THR A 24 -5.96 2.73 3.60
CA THR A 24 -7.22 3.47 3.61
C THR A 24 -8.41 2.52 3.46
N NH2 A 25 -8.19 1.43 2.74
HN1 NH2 A 25 -7.31 1.27 2.35
HN2 NH2 A 25 -8.92 0.76 2.59
N LEU A 1 5.86 4.97 -4.47
CA LEU A 1 5.63 4.13 -5.65
C LEU A 1 4.16 4.13 -6.05
N HYP A 2 3.90 3.82 -7.33
CA HYP A 2 2.53 3.78 -7.86
C HYP A 2 1.62 2.85 -7.06
O HYP A 2 0.72 3.31 -6.36
CB HYP A 2 2.73 3.24 -9.28
CG HYP A 2 4.10 2.66 -9.29
CD HYP A 2 4.90 3.48 -8.34
OD1 HYP A 2 4.72 2.79 -10.57
HA HYP A 2 2.10 4.76 -7.91
HB2 HYP A 2 1.98 2.49 -9.49
HB3 HYP A 2 2.65 4.05 -9.99
HG HYP A 2 4.05 1.62 -9.00
HD22 HYP A 2 5.68 2.85 -7.92
HD23 HYP A 2 5.34 4.37 -8.77
HD1 HYP A 2 5.23 1.99 -10.76
N SER A 3 1.86 1.55 -7.18
CA SER A 3 1.07 0.56 -6.47
C SER A 3 1.95 -0.37 -5.64
N CYS A 4 2.38 0.10 -4.48
CA CYS A 4 3.24 -0.68 -3.60
C CYS A 4 2.44 -1.78 -2.91
N CYS A 5 1.17 -1.48 -2.60
CA CYS A 5 0.31 -2.44 -1.93
C CYS A 5 -0.51 -3.23 -2.95
N SER A 6 0.09 -3.50 -4.10
CA SER A 6 -0.57 -4.24 -5.16
C SER A 6 -0.67 -5.72 -4.80
N LEU A 7 0.48 -6.38 -4.74
CA LEU A 7 0.52 -7.80 -4.41
C LEU A 7 0.93 -8.01 -2.96
N ASN A 8 0.57 -7.06 -2.10
CA ASN A 8 0.90 -7.14 -0.68
C ASN A 8 0.02 -6.19 0.13
N LEU A 9 -1.26 -6.50 0.21
CA LEU A 9 -2.21 -5.69 0.96
C LEU A 9 -2.23 -6.09 2.43
N ARG A 10 -1.05 -6.20 3.02
CA ARG A 10 -0.94 -6.59 4.44
C ARG A 10 -0.61 -5.37 5.30
N LEU A 11 0.55 -4.77 5.04
CA LEU A 11 0.97 -3.59 5.80
C LEU A 11 1.16 -2.39 4.88
N CYS A 12 1.73 -1.32 5.42
CA CYS A 12 1.96 -0.11 4.65
C CYS A 12 2.75 0.91 5.47
N HYP A 13 4.07 0.68 5.58
CA HYP A 13 4.97 1.56 6.34
C HYP A 13 5.55 2.68 5.46
O HYP A 13 6.56 3.29 5.81
CB HYP A 13 6.08 0.62 6.81
CG HYP A 13 6.00 -0.55 5.90
CD HYP A 13 4.79 -0.46 4.99
OD1 HYP A 13 6.10 -1.78 6.63
HA HYP A 13 4.47 2.00 7.19
HB2 HYP A 13 7.03 1.12 6.74
HB3 HYP A 13 5.90 0.34 7.84
HG HYP A 13 6.79 -0.49 5.17
HD22 HYP A 13 5.17 -0.22 4.02
HD23 HYP A 13 4.15 -1.34 4.95
HD1 HYP A 13 5.70 -1.67 7.50
N VAL A 14 4.90 2.93 4.33
CA VAL A 14 5.35 3.97 3.42
C VAL A 14 4.20 4.53 2.60
N HYP A 15 4.32 5.79 2.18
CA HYP A 15 3.29 6.47 1.39
C HYP A 15 2.97 5.73 0.09
O HYP A 15 1.91 5.92 -0.50
CB HYP A 15 3.92 7.83 1.08
CG HYP A 15 4.96 8.01 2.13
CD HYP A 15 5.48 6.66 2.45
OD1 HYP A 15 4.45 8.71 3.27
HA HYP A 15 2.38 6.61 1.95
HB2 HYP A 15 4.35 7.83 0.10
HB3 HYP A 15 3.16 8.61 1.15
HG HYP A 15 5.80 8.56 1.71
HD22 HYP A 15 6.33 6.35 1.85
HD23 HYP A 15 5.73 6.66 3.49
HD1 HYP A 15 5.14 9.21 3.69
N ALA A 16 3.91 4.89 -0.35
CA ALA A 16 3.73 4.12 -1.57
C ALA A 16 2.51 3.21 -1.47
N CYS A 17 2.33 2.60 -0.30
CA CYS A 17 1.21 1.70 -0.07
C CYS A 17 0.29 2.24 1.02
N LYS A 18 0.24 3.56 1.14
CA LYS A 18 -0.60 4.20 2.15
C LYS A 18 -1.95 4.59 1.55
N ARG A 19 -2.01 4.70 0.22
CA ARG A 19 -3.25 5.06 -0.46
C ARG A 19 -4.05 3.81 -0.82
N ASN A 20 -3.36 2.67 -0.88
CA ASN A 20 -4.02 1.42 -1.22
C ASN A 20 -5.01 1.01 -0.15
N HYP A 21 -5.92 0.09 -0.49
CA HYP A 21 -6.96 -0.39 0.43
C HYP A 21 -6.35 -1.03 1.68
O HYP A 21 -7.03 -1.19 2.70
CB HYP A 21 -7.70 -1.44 -0.39
CG HYP A 21 -7.40 -1.09 -1.81
CD HYP A 21 -6.03 -0.53 -1.82
OD1 HYP A 21 -8.33 -0.12 -2.31
HA HYP A 21 -7.63 0.39 0.72
HB2 HYP A 21 -7.34 -2.43 -0.14
HB3 HYP A 21 -8.76 -1.38 -0.19
HG HYP A 21 -7.45 -1.99 -2.41
HD22 HYP A 21 -5.25 -1.27 -1.96
HD23 HYP A 21 -6.00 0.21 -2.60
HD1 HYP A 21 -9.21 -0.31 -1.97
N CYS A 22 -5.07 -1.38 1.59
CA CYS A 22 -4.39 -2.00 2.72
C CYS A 22 -4.23 -1.02 3.88
N CYS A 23 -4.10 0.26 3.54
CA CYS A 23 -3.94 1.31 4.55
C CYS A 23 -5.25 2.07 4.74
N THR A 24 -5.78 2.61 3.65
CA THR A 24 -7.03 3.36 3.71
C THR A 24 -8.24 2.44 3.63
N NH2 A 25 -8.08 1.32 2.93
HN1 NH2 A 25 -7.21 1.14 2.51
HN2 NH2 A 25 -8.82 0.66 2.83
N LEU A 1 5.30 4.80 -4.60
CA LEU A 1 5.38 4.01 -5.82
C LEU A 1 3.99 3.79 -6.43
N HYP A 2 3.96 3.48 -7.73
CA HYP A 2 2.72 3.24 -8.46
C HYP A 2 1.78 2.29 -7.72
O HYP A 2 0.66 2.65 -7.37
CB HYP A 2 3.18 2.61 -9.78
CG HYP A 2 4.56 3.13 -9.97
CD HYP A 2 5.14 3.33 -8.60
OD1 HYP A 2 4.55 4.35 -10.73
HA HYP A 2 2.19 4.16 -8.66
HB2 HYP A 2 3.17 1.54 -9.68
HB3 HYP A 2 2.52 2.91 -10.58
HG HYP A 2 5.15 2.38 -10.47
HD22 HYP A 2 5.69 2.43 -8.35
HD23 HYP A 2 5.78 4.20 -8.52
HD1 HYP A 2 4.33 4.15 -11.65
N SER A 3 2.26 1.07 -7.46
CA SER A 3 1.47 0.07 -6.76
C SER A 3 2.32 -0.67 -5.72
N CYS A 4 2.41 -0.08 -4.53
CA CYS A 4 3.19 -0.68 -3.46
C CYS A 4 2.40 -1.78 -2.74
N CYS A 5 1.14 -1.48 -2.44
CA CYS A 5 0.27 -2.43 -1.77
C CYS A 5 -0.54 -3.24 -2.77
N SER A 6 0.05 -3.46 -3.95
CA SER A 6 -0.63 -4.22 -5.00
C SER A 6 -0.64 -5.71 -4.66
N LEU A 7 0.52 -6.35 -4.79
CA LEU A 7 0.64 -7.77 -4.50
C LEU A 7 1.07 -8.00 -3.06
N ASN A 8 0.66 -7.10 -2.17
CA ASN A 8 1.01 -7.21 -0.76
C ASN A 8 0.13 -6.29 0.09
N LEU A 9 -1.16 -6.61 0.18
CA LEU A 9 -2.09 -5.81 0.95
C LEU A 9 -2.07 -6.20 2.42
N ARG A 10 -0.86 -6.27 2.98
CA ARG A 10 -0.70 -6.64 4.39
C ARG A 10 -0.58 -5.40 5.26
N LEU A 11 0.45 -4.60 5.02
CA LEU A 11 0.68 -3.38 5.79
C LEU A 11 1.11 -2.24 4.88
N CYS A 12 1.35 -1.07 5.47
CA CYS A 12 1.77 0.10 4.71
C CYS A 12 2.78 0.92 5.50
N HYP A 13 4.06 0.53 5.42
CA HYP A 13 5.15 1.21 6.12
C HYP A 13 5.70 2.39 5.33
O HYP A 13 6.69 3.01 5.72
CB HYP A 13 6.22 0.12 6.27
CG HYP A 13 5.84 -0.91 5.26
CD HYP A 13 4.55 -0.63 4.64
OD1 HYP A 13 5.80 -2.22 5.86
HA HYP A 13 4.85 1.55 7.10
HB2 HYP A 13 7.19 0.55 6.05
HB3 HYP A 13 6.20 -0.27 7.27
HG HYP A 13 6.56 -0.90 4.45
HD22 HYP A 13 4.77 -0.33 3.63
HD23 HYP A 13 3.82 -1.42 4.64
HD1 HYP A 13 6.59 -2.71 5.62
N VAL A 14 5.05 2.70 4.21
CA VAL A 14 5.47 3.81 3.37
C VAL A 14 4.28 4.40 2.61
N HYP A 15 4.39 5.69 2.25
CA HYP A 15 3.34 6.40 1.52
C HYP A 15 2.97 5.70 0.21
O HYP A 15 1.87 5.88 -0.31
CB HYP A 15 3.95 7.78 1.24
CG HYP A 15 5.03 7.92 2.27
CD HYP A 15 5.54 6.56 2.55
OD1 HYP A 15 4.52 8.57 3.45
HA HYP A 15 2.44 6.52 2.12
HB2 HYP A 15 4.36 7.79 0.24
HB3 HYP A 15 3.21 8.54 1.34
HG HYP A 15 5.84 8.49 1.85
HD22 HYP A 15 6.38 6.30 1.93
HD23 HYP A 15 5.80 6.51 3.60
HD1 HYP A 15 5.10 9.29 3.68
N ALA A 16 3.91 4.92 -0.31
CA ALA A 16 3.68 4.19 -1.56
C ALA A 16 2.46 3.27 -1.44
N CYS A 17 2.28 2.68 -0.27
CA CYS A 17 1.16 1.78 -0.04
C CYS A 17 0.21 2.35 1.01
N LYS A 18 0.16 3.68 1.11
CA LYS A 18 -0.69 4.35 2.07
C LYS A 18 -2.04 4.71 1.44
N ARG A 19 -2.07 4.76 0.12
CA ARG A 19 -3.29 5.09 -0.61
C ARG A 19 -4.09 3.83 -0.93
N ASN A 20 -3.41 2.69 -0.94
CA ASN A 20 -4.07 1.42 -1.24
C ASN A 20 -5.07 1.06 -0.14
N HYP A 21 -5.97 0.11 -0.46
CA HYP A 21 -7.00 -0.34 0.49
C HYP A 21 -6.39 -0.90 1.77
O HYP A 21 -7.06 -0.95 2.81
CB HYP A 21 -7.73 -1.44 -0.29
CG HYP A 21 -7.43 -1.16 -1.73
CD HYP A 21 -6.07 -0.56 -1.75
OD1 HYP A 21 -8.37 -0.22 -2.27
HA HYP A 21 -7.69 0.45 0.73
HB2 HYP A 21 -7.34 -2.41 0.01
HB3 HYP A 21 -8.78 -1.39 -0.09
HG HYP A 21 -7.47 -2.08 -2.28
HD22 HYP A 21 -5.28 -1.30 -1.86
HD23 HYP A 21 -6.03 0.14 -2.57
HD1 HYP A 21 -8.04 0.13 -3.10
N CYS A 22 -5.14 -1.33 1.69
CA CYS A 22 -4.45 -1.89 2.85
C CYS A 22 -4.29 -0.84 3.95
N CYS A 23 -4.15 0.41 3.54
CA CYS A 23 -3.99 1.51 4.49
C CYS A 23 -5.29 2.31 4.62
N THR A 24 -5.94 2.57 3.49
CA THR A 24 -7.19 3.32 3.48
C THR A 24 -8.39 2.40 3.56
N NH2 A 25 -9.43 2.85 4.25
HN1 NH2 A 25 -9.39 3.73 4.67
HN2 NH2 A 25 -10.26 2.29 4.35
N LEU A 1 4.81 5.51 -5.43
CA LEU A 1 4.68 4.49 -6.46
C LEU A 1 3.22 4.31 -6.87
N HYP A 2 3.02 3.72 -8.06
CA HYP A 2 1.67 3.47 -8.60
C HYP A 2 0.86 2.54 -7.71
O HYP A 2 -0.20 2.91 -7.21
CB HYP A 2 1.95 2.81 -9.96
CG HYP A 2 3.36 2.31 -9.86
CD HYP A 2 4.07 3.26 -8.98
OD1 HYP A 2 4.02 2.41 -11.12
HA HYP A 2 1.13 4.39 -8.75
HB2 HYP A 2 1.26 2.00 -10.12
HB3 HYP A 2 1.85 3.56 -10.74
HG HYP A 2 3.34 1.30 -9.52
HD22 HYP A 2 4.82 2.69 -8.45
HD23 HYP A 2 4.54 4.10 -9.48
HD1 HYP A 2 3.93 3.30 -11.47
N SER A 3 1.37 1.32 -7.52
CA SER A 3 0.69 0.33 -6.70
C SER A 3 1.69 -0.45 -5.84
N CYS A 4 2.05 0.14 -4.70
CA CYS A 4 3.00 -0.50 -3.79
C CYS A 4 2.32 -1.61 -2.99
N CYS A 5 1.07 -1.39 -2.62
CA CYS A 5 0.31 -2.36 -1.85
C CYS A 5 -0.50 -3.27 -2.76
N SER A 6 0.01 -3.49 -3.97
CA SER A 6 -0.66 -4.34 -4.95
C SER A 6 -0.56 -5.81 -4.56
N LEU A 7 0.66 -6.34 -4.62
CA LEU A 7 0.91 -7.73 -4.28
C LEU A 7 1.30 -7.87 -2.82
N ASN A 8 0.78 -6.99 -1.97
CA ASN A 8 1.08 -7.02 -0.54
C ASN A 8 0.08 -6.16 0.23
N LEU A 9 -1.17 -6.58 0.26
CA LEU A 9 -2.21 -5.85 0.96
C LEU A 9 -2.28 -6.26 2.43
N ARG A 10 -1.12 -6.34 3.07
CA ARG A 10 -1.04 -6.73 4.48
C ARG A 10 -0.70 -5.53 5.35
N LEU A 11 0.37 -4.84 5.01
CA LEU A 11 0.80 -3.66 5.77
C LEU A 11 1.06 -2.48 4.84
N CYS A 12 1.36 -1.33 5.43
CA CYS A 12 1.64 -0.12 4.66
C CYS A 12 2.55 0.83 5.44
N HYP A 13 3.87 0.63 5.31
CA HYP A 13 4.86 1.45 5.99
C HYP A 13 5.16 2.76 5.24
O HYP A 13 5.09 3.84 5.81
CB HYP A 13 6.11 0.57 6.02
CG HYP A 13 5.81 -0.53 5.04
CD HYP A 13 4.49 -0.42 4.48
OD1 HYP A 13 5.80 -1.80 5.70
HA HYP A 13 4.56 1.69 7.00
HB2 HYP A 13 6.98 1.14 5.73
HB3 HYP A 13 6.25 0.17 7.02
HG HYP A 13 6.56 -0.51 4.27
HD22 HYP A 13 4.62 -0.08 3.46
HD23 HYP A 13 3.90 -1.32 4.50
HD1 HYP A 13 5.31 -1.74 6.51
N VAL A 14 5.47 2.63 3.96
CA VAL A 14 5.77 3.79 3.12
C VAL A 14 4.50 4.37 2.52
N HYP A 15 4.54 5.67 2.20
CA HYP A 15 3.39 6.37 1.61
C HYP A 15 2.97 5.75 0.29
O HYP A 15 1.83 5.93 -0.16
CB HYP A 15 3.93 7.79 1.39
CG HYP A 15 5.40 7.69 1.61
CD HYP A 15 5.69 6.56 2.42
OD1 HYP A 15 5.87 8.73 2.46
HA HYP A 15 2.55 6.41 2.29
HB2 HYP A 15 3.69 8.11 0.38
HB3 HYP A 15 3.48 8.47 2.10
HG HYP A 15 5.90 7.72 0.65
HD22 HYP A 15 6.54 6.22 1.86
HD23 HYP A 15 5.93 6.64 3.47
HD1 HYP A 15 5.23 8.89 3.16
N ALA A 16 3.88 5.03 -0.35
CA ALA A 16 3.59 4.38 -1.62
C ALA A 16 2.43 3.40 -1.49
N CYS A 17 2.33 2.75 -0.33
CA CYS A 17 1.28 1.79 -0.08
C CYS A 17 0.34 2.28 1.01
N LYS A 18 0.28 3.60 1.18
CA LYS A 18 -0.58 4.20 2.20
C LYS A 18 -1.93 4.60 1.61
N ARG A 19 -1.98 4.72 0.29
CA ARG A 19 -3.21 5.10 -0.40
C ARG A 19 -4.01 3.85 -0.79
N ASN A 20 -3.33 2.71 -0.87
CA ASN A 20 -3.98 1.47 -1.23
C ASN A 20 -5.01 1.06 -0.18
N HYP A 21 -5.90 0.12 -0.56
CA HYP A 21 -6.94 -0.38 0.34
C HYP A 21 -6.38 -0.97 1.63
O HYP A 21 -7.08 -1.07 2.63
CB HYP A 21 -7.64 -1.45 -0.49
CG HYP A 21 -7.29 -1.12 -1.91
CD HYP A 21 -5.93 -0.52 -1.87
OD1 HYP A 21 -8.20 -0.16 -2.45
HA HYP A 21 -7.66 0.40 0.58
HB2 HYP A 21 -7.26 -2.42 -0.21
HB3 HYP A 21 -8.70 -1.41 -0.33
HG HYP A 21 -7.30 -2.03 -2.49
HD22 HYP A 21 -5.13 -1.25 -1.97
HD23 HYP A 21 -5.88 0.20 -2.66
HD1 HYP A 21 -8.16 -0.19 -3.40
N CYS A 22 -5.11 -1.37 1.58
CA CYS A 22 -4.46 -1.95 2.75
C CYS A 22 -4.37 -0.94 3.88
N CYS A 23 -4.23 0.33 3.53
CA CYS A 23 -4.14 1.39 4.53
C CYS A 23 -5.46 2.15 4.65
N THR A 24 -6.04 2.49 3.49
CA THR A 24 -7.30 3.22 3.46
C THR A 24 -8.49 2.27 3.52
N NH2 A 25 -9.53 2.66 4.25
HN1 NH2 A 25 -9.49 3.52 4.70
HN2 NH2 A 25 -10.34 2.08 4.33
N LEU A 1 6.25 4.22 -6.41
CA LEU A 1 5.70 2.88 -6.42
C LEU A 1 4.18 2.92 -6.24
N HYP A 2 3.47 3.31 -7.32
CA HYP A 2 2.01 3.39 -7.31
C HYP A 2 1.36 2.15 -6.71
O HYP A 2 0.63 2.24 -5.72
CB HYP A 2 1.65 3.52 -8.79
CG HYP A 2 2.86 4.14 -9.42
CD HYP A 2 4.05 3.69 -8.61
OD1 HYP A 2 2.74 5.57 -9.43
HA HYP A 2 1.67 4.27 -6.79
HB2 HYP A 2 1.47 2.53 -9.21
HB3 HYP A 2 0.78 4.14 -8.91
HG HYP A 2 2.96 3.77 -10.43
HD22 HYP A 2 4.45 2.83 -9.13
HD23 HYP A 2 4.80 4.45 -8.49
HD1 HYP A 2 2.53 5.87 -10.32
N SER A 3 1.61 1.00 -7.32
CA SER A 3 1.05 -0.26 -6.84
C SER A 3 1.91 -0.86 -5.74
N CYS A 4 2.19 -0.06 -4.71
CA CYS A 4 3.00 -0.52 -3.59
C CYS A 4 2.29 -1.63 -2.82
N CYS A 5 1.02 -1.41 -2.51
CA CYS A 5 0.24 -2.40 -1.78
C CYS A 5 -0.54 -3.30 -2.74
N SER A 6 0.06 -3.58 -3.89
CA SER A 6 -0.57 -4.42 -4.90
C SER A 6 -0.55 -5.89 -4.47
N LEU A 7 0.65 -6.48 -4.47
CA LEU A 7 0.81 -7.87 -4.09
C LEU A 7 1.11 -7.99 -2.59
N ASN A 8 0.60 -7.05 -1.81
CA ASN A 8 0.81 -7.05 -0.37
C ASN A 8 -0.14 -6.08 0.32
N LEU A 9 -1.43 -6.39 0.27
CA LEU A 9 -2.44 -5.55 0.90
C LEU A 9 -2.50 -5.78 2.40
N ARG A 10 -1.35 -5.67 3.05
CA ARG A 10 -1.26 -5.87 4.49
C ARG A 10 -0.17 -4.99 5.10
N LEU A 11 0.96 -4.89 4.39
CA LEU A 11 2.08 -4.09 4.86
C LEU A 11 2.01 -2.67 4.29
N CYS A 12 2.02 -1.68 5.18
CA CYS A 12 1.96 -0.28 4.77
C CYS A 12 2.86 0.58 5.64
N HYP A 13 4.18 0.39 5.50
CA HYP A 13 5.18 1.15 6.27
C HYP A 13 5.67 2.39 5.52
O HYP A 13 6.63 3.03 5.94
CB HYP A 13 6.32 0.15 6.46
CG HYP A 13 6.07 -0.90 5.42
CD HYP A 13 4.80 -0.57 4.57
OD1 HYP A 13 6.03 -2.21 6.02
HA HYP A 13 4.79 1.44 7.23
HB2 HYP A 13 7.26 0.64 6.30
HB3 HYP A 13 6.28 -0.27 7.45
HG HYP A 13 6.85 -0.86 4.67
HD22 HYP A 13 5.02 -0.11 3.62
HD23 HYP A 13 4.17 -1.44 4.45
HD1 HYP A 13 5.26 -2.28 6.59
N VAL A 14 5.01 2.70 4.41
CA VAL A 14 5.38 3.86 3.61
C VAL A 14 4.18 4.42 2.86
N HYP A 15 4.25 5.71 2.48
CA HYP A 15 3.18 6.39 1.75
C HYP A 15 2.89 5.74 0.40
O HYP A 15 1.81 5.89 -0.15
CB HYP A 15 3.73 7.80 1.55
CG HYP A 15 4.81 7.94 2.57
CD HYP A 15 5.40 6.59 2.73
OD1 HYP A 15 4.30 8.44 3.81
HA HYP A 15 2.28 6.42 2.33
HB2 HYP A 15 4.10 7.91 0.55
HB3 HYP A 15 2.93 8.52 1.73
HG HYP A 15 5.58 8.60 2.19
HD22 HYP A 15 6.21 6.37 2.06
HD23 HYP A 15 5.73 6.51 3.75
HD1 HYP A 15 5.02 8.80 4.33
N ALA A 16 3.88 5.00 -0.12
CA ALA A 16 3.73 4.32 -1.40
C ALA A 16 2.52 3.39 -1.39
N CYS A 17 2.29 2.76 -0.25
CA CYS A 17 1.16 1.83 -0.11
C CYS A 17 0.14 2.36 0.90
N LYS A 18 0.08 3.68 1.03
CA LYS A 18 -0.85 4.31 1.96
C LYS A 18 -2.15 4.67 1.26
N ARG A 19 -2.12 4.72 -0.07
CA ARG A 19 -3.30 5.05 -0.85
C ARG A 19 -4.11 3.79 -1.16
N ASN A 20 -3.46 2.64 -1.09
CA ASN A 20 -4.12 1.37 -1.36
C ASN A 20 -5.15 1.06 -0.29
N HYP A 21 -6.05 0.11 -0.59
CA HYP A 21 -7.10 -0.31 0.34
C HYP A 21 -6.54 -0.96 1.60
O HYP A 21 -7.27 -1.18 2.57
CB HYP A 21 -7.93 -1.31 -0.48
CG HYP A 21 -7.00 -1.76 -1.57
CD HYP A 21 -6.11 -0.63 -1.86
OD1 HYP A 21 -7.72 -2.00 -2.78
HA HYP A 21 -7.74 0.53 0.62
HB2 HYP A 21 -8.21 -2.14 0.15
HB3 HYP A 21 -8.80 -0.83 -0.87
HG HYP A 21 -6.49 -2.65 -1.25
HD22 HYP A 21 -5.18 -1.14 -2.06
HD23 HYP A 21 -6.35 0.03 -2.68
HD1 HYP A 21 -8.11 -2.87 -2.75
N CYS A 22 -5.26 -1.28 1.56
CA CYS A 22 -4.60 -1.92 2.70
C CYS A 22 -4.40 -0.93 3.84
N CYS A 23 -4.17 0.33 3.48
CA CYS A 23 -3.96 1.39 4.47
C CYS A 23 -5.20 2.27 4.61
N THR A 24 -5.80 2.61 3.47
CA THR A 24 -6.99 3.45 3.46
C THR A 24 -8.25 2.61 3.61
N NH2 A 25 -9.24 3.16 4.31
HN1 NH2 A 25 -9.13 4.06 4.68
HN2 NH2 A 25 -10.10 2.67 4.45
#